data_5JUG
#
_entry.id   5JUG
#
_cell.length_a   36.707
_cell.length_b   53.841
_cell.length_c   82.636
_cell.angle_alpha   90.00
_cell.angle_beta   90.00
_cell.angle_gamma   90.00
#
_symmetry.space_group_name_H-M   'P 21 21 21'
#
loop_
_entity.id
_entity.type
_entity.pdbx_description
1 polymer beta-1,4-mannanase
2 branched beta-D-mannopyranose-(1-4)-beta-D-mannopyranose-(1-4)-beta-D-mannopyranose-(1-4)-beta-D-mannopyranose-(1-4)-beta-D-mannopyranose
3 non-polymer alpha-D-mannopyranose
4 non-polymer GLYCEROL
5 non-polymer 'CHLORIDE ION'
6 water water
#
_entity_poly.entity_id   1
_entity_poly.type   'polypeptide(L)'
_entity_poly.pdbx_seq_one_letter_code
;SACPSGATCGSYTVGGLGSRKQQVRNAGGSSLDLAVAMLQTERMDTAYPYGDNKSGDAANFGIFKQNWLMLRSACAQFGG
QGAGQYDNGAALNSSLGQDVSCLHQSQSHYGLDAWFAGHRNGASGLSSPNTADIAAYKAAVYWIKAQLDADSANLGNDTR
FWVQVPAI
;
_entity_poly.pdbx_strand_id   A
#
loop_
_chem_comp.id
_chem_comp.type
_chem_comp.name
_chem_comp.formula
BMA D-saccharide, beta linking beta-D-mannopyranose 'C6 H12 O6'
CL non-polymer 'CHLORIDE ION' 'Cl -1'
GOL non-polymer GLYCEROL 'C3 H8 O3'
MAN D-saccharide, alpha linking alpha-D-mannopyranose 'C6 H12 O6'
#
# COMPACT_ATOMS: atom_id res chain seq x y z
N SER A 1 -15.02 4.92 13.58
CA SER A 1 -14.99 4.84 15.08
C SER A 1 -14.88 3.39 15.58
N ALA A 2 -16.00 2.65 15.64
CA ALA A 2 -15.96 1.24 16.05
C ALA A 2 -15.18 0.45 14.99
N CYS A 3 -14.54 -0.62 15.42
CA CYS A 3 -13.61 -1.34 14.52
C CYS A 3 -14.32 -2.23 13.52
N PRO A 4 -13.68 -2.55 12.39
CA PRO A 4 -14.28 -3.41 11.40
C PRO A 4 -14.35 -4.87 11.86
N SER A 5 -15.55 -5.43 11.77
CA SER A 5 -15.84 -6.82 12.13
C SER A 5 -14.77 -7.59 12.89
N GLY A 6 -14.80 -7.43 14.20
CA GLY A 6 -13.95 -8.20 15.10
C GLY A 6 -12.52 -7.74 15.32
N ALA A 7 -12.06 -6.79 14.52
CA ALA A 7 -10.65 -6.44 14.48
C ALA A 7 -10.28 -5.41 15.55
N THR A 8 -8.96 -5.32 15.86
CA THR A 8 -8.53 -4.18 16.69
C THR A 8 -8.12 -3.04 15.79
N CYS A 9 -8.41 -1.84 16.28
CA CYS A 9 -8.15 -0.63 15.51
C CYS A 9 -7.93 0.55 16.43
N GLY A 10 -7.49 1.65 15.86
CA GLY A 10 -7.35 2.87 16.63
C GLY A 10 -6.65 3.96 15.85
N SER A 11 -6.16 4.95 16.58
CA SER A 11 -5.42 6.05 15.96
C SER A 11 -4.42 6.61 16.93
N TYR A 12 -3.38 7.24 16.39
CA TYR A 12 -2.36 7.91 17.19
C TYR A 12 -1.62 8.89 16.32
N THR A 13 -0.85 9.76 16.97
CA THR A 13 -0.12 10.82 16.28
C THR A 13 1.27 10.37 15.87
N VAL A 14 1.66 10.72 14.66
CA VAL A 14 3.00 10.47 14.10
C VAL A 14 3.56 11.81 13.65
N GLY A 15 4.64 12.25 14.28
CA GLY A 15 5.24 13.53 13.93
C GLY A 15 5.64 13.58 12.47
N GLY A 16 5.29 14.65 11.79
CA GLY A 16 5.63 14.84 10.38
C GLY A 16 4.72 14.14 9.39
N LEU A 17 3.77 13.35 9.86
CA LEU A 17 2.96 12.58 8.95
C LEU A 17 2.07 13.47 8.10
N GLY A 18 1.54 14.57 8.64
CA GLY A 18 0.69 15.44 7.87
C GLY A 18 1.36 15.99 6.64
N SER A 19 2.59 16.47 6.80
CA SER A 19 3.33 16.98 5.65
CA SER A 19 3.37 16.98 5.67
C SER A 19 3.59 15.87 4.64
N ARG A 20 3.85 14.66 5.13
CA ARG A 20 4.05 13.54 4.24
C ARG A 20 2.77 13.17 3.47
N LYS A 21 1.62 13.17 4.15
CA LYS A 21 0.34 12.92 3.46
C LYS A 21 0.19 13.90 2.30
N GLN A 22 0.49 15.18 2.54
CA GLN A 22 0.37 16.19 1.50
C GLN A 22 1.28 15.89 0.33
N GLN A 23 2.49 15.42 0.62
CA GLN A 23 3.41 15.05 -0.44
C GLN A 23 2.90 13.89 -1.27
N VAL A 24 2.31 12.88 -0.62
CA VAL A 24 1.75 11.74 -1.30
C VAL A 24 0.59 12.17 -2.22
N ARG A 25 -0.28 13.05 -1.70
CA ARG A 25 -1.41 13.54 -2.47
CA ARG A 25 -1.40 13.54 -2.49
C ARG A 25 -0.92 14.33 -3.68
N ASN A 26 0.08 15.19 -3.46
CA ASN A 26 0.58 15.98 -4.58
C ASN A 26 1.26 15.11 -5.63
N ALA A 27 1.78 13.93 -5.25
CA ALA A 27 2.34 12.96 -6.19
C ALA A 27 1.26 12.12 -6.89
N GLY A 28 -0.01 12.38 -6.61
CA GLY A 28 -1.10 11.70 -7.30
C GLY A 28 -1.86 10.70 -6.48
N GLY A 29 -1.51 10.59 -5.20
CA GLY A 29 -2.19 9.65 -4.35
C GLY A 29 -3.59 10.09 -3.95
N SER A 30 -4.53 9.21 -4.19
CA SER A 30 -5.93 9.39 -3.77
C SER A 30 -6.12 9.03 -2.31
N SER A 31 -7.33 9.21 -1.78
CA SER A 31 -7.60 8.74 -0.41
CA SER A 31 -7.60 8.75 -0.44
C SER A 31 -7.45 7.24 -0.27
N LEU A 32 -7.82 6.46 -1.29
CA LEU A 32 -7.59 5.02 -1.23
C LEU A 32 -6.07 4.75 -1.18
N ASP A 33 -5.30 5.45 -1.99
CA ASP A 33 -3.84 5.24 -1.97
C ASP A 33 -3.25 5.62 -0.60
N LEU A 34 -3.72 6.72 -0.03
CA LEU A 34 -3.28 7.09 1.31
C LEU A 34 -3.66 6.04 2.34
N ALA A 35 -4.85 5.46 2.23
CA ALA A 35 -5.23 4.40 3.16
C ALA A 35 -4.35 3.17 3.03
N VAL A 36 -4.03 2.77 1.79
CA VAL A 36 -3.12 1.64 1.59
C VAL A 36 -1.76 1.96 2.24
N ALA A 37 -1.21 3.13 1.94
CA ALA A 37 0.07 3.52 2.52
C ALA A 37 0.01 3.54 4.04
N MET A 38 -1.09 4.07 4.59
CA MET A 38 -1.23 4.21 6.02
C MET A 38 -1.22 2.87 6.74
N LEU A 39 -1.79 1.83 6.11
CA LEU A 39 -1.76 0.50 6.68
C LEU A 39 -0.34 -0.07 6.72
N GLN A 40 0.50 0.25 5.72
CA GLN A 40 1.79 -0.42 5.59
C GLN A 40 2.87 0.06 6.51
N THR A 41 2.96 1.39 6.74
CA THR A 41 4.01 1.95 7.54
C THR A 41 3.42 3.15 8.29
N GLU A 42 4.15 3.56 9.32
CA GLU A 42 3.70 4.71 10.11
C GLU A 42 3.95 6.04 9.45
N ARG A 43 5.11 6.19 8.82
CA ARG A 43 5.53 7.47 8.27
CA ARG A 43 5.57 7.47 8.25
CA ARG A 43 5.55 7.48 8.26
C ARG A 43 5.39 7.55 6.76
N MET A 44 4.74 6.54 6.16
CA MET A 44 4.58 6.49 4.68
C MET A 44 5.94 6.60 4.02
N ASP A 45 6.84 5.71 4.43
CA ASP A 45 8.23 5.74 4.00
C ASP A 45 8.70 4.35 3.60
N THR A 46 9.99 4.27 3.25
CA THR A 46 10.55 3.06 2.73
C THR A 46 11.76 2.57 3.53
N ALA A 47 11.81 2.93 4.80
CA ALA A 47 12.91 2.53 5.67
C ALA A 47 12.75 1.14 6.26
N TYR A 48 11.61 0.48 6.01
CA TYR A 48 11.42 -0.92 6.40
C TYR A 48 12.51 -1.77 5.76
N PRO A 49 12.72 -3.00 6.28
CA PRO A 49 13.82 -3.80 5.76
C PRO A 49 13.71 -3.97 4.26
N TYR A 50 14.84 -4.00 3.57
CA TYR A 50 14.86 -4.08 2.12
C TYR A 50 14.01 -5.28 1.67
N GLY A 51 13.12 -5.02 0.70
CA GLY A 51 12.21 -6.06 0.21
C GLY A 51 11.17 -6.53 1.19
N ASP A 52 11.06 -5.85 2.35
CA ASP A 52 10.38 -6.37 3.53
C ASP A 52 10.85 -7.80 3.87
N ASN A 53 12.16 -8.04 3.75
CA ASN A 53 12.75 -9.33 4.07
C ASN A 53 12.27 -10.47 3.20
N LYS A 54 11.88 -10.15 1.98
CA LYS A 54 11.47 -11.13 0.98
C LYS A 54 12.28 -10.86 -0.28
N SER A 55 12.53 -11.93 -1.04
CA SER A 55 13.26 -11.87 -2.28
C SER A 55 12.41 -12.45 -3.39
N GLY A 56 12.73 -12.07 -4.64
CA GLY A 56 12.01 -12.54 -5.80
C GLY A 56 10.66 -11.84 -5.93
N ASP A 57 9.72 -12.59 -6.49
CA ASP A 57 8.41 -12.04 -6.75
C ASP A 57 7.66 -11.51 -5.54
N ALA A 58 7.98 -12.00 -4.34
CA ALA A 58 7.31 -11.53 -3.13
C ALA A 58 7.91 -10.24 -2.57
N ALA A 59 9.09 -9.84 -3.05
CA ALA A 59 9.78 -8.66 -2.50
C ALA A 59 8.90 -7.42 -2.60
N ASN A 60 8.87 -6.64 -1.50
CA ASN A 60 8.07 -5.45 -1.40
C ASN A 60 8.90 -4.18 -1.56
N PHE A 61 8.36 -3.23 -2.35
CA PHE A 61 9.01 -1.96 -2.61
C PHE A 61 8.03 -0.79 -2.52
N GLY A 62 8.58 0.38 -2.21
CA GLY A 62 7.81 1.60 -2.15
C GLY A 62 6.94 1.71 -0.92
N ILE A 63 6.23 2.83 -0.81
CA ILE A 63 5.45 3.10 0.39
C ILE A 63 4.20 2.26 0.50
N PHE A 64 3.76 1.66 -0.61
CA PHE A 64 2.59 0.82 -0.60
C PHE A 64 2.94 -0.64 -0.39
N LYS A 65 4.24 -0.96 -0.34
CA LYS A 65 4.71 -2.36 -0.25
C LYS A 65 4.15 -3.21 -1.39
N GLN A 66 4.21 -2.63 -2.59
CA GLN A 66 3.91 -3.41 -3.82
C GLN A 66 4.90 -4.52 -4.01
N ASN A 67 4.42 -5.68 -4.45
CA ASN A 67 5.33 -6.79 -4.69
C ASN A 67 5.82 -6.84 -6.13
N TRP A 68 6.98 -7.47 -6.28
CA TRP A 68 7.66 -7.50 -7.57
C TRP A 68 6.87 -8.24 -8.63
N LEU A 69 6.14 -9.31 -8.30
CA LEU A 69 5.30 -9.96 -9.32
C LEU A 69 4.38 -8.93 -9.97
N MET A 70 3.69 -8.15 -9.14
CA MET A 70 2.70 -7.23 -9.68
C MET A 70 3.39 -6.06 -10.44
N LEU A 71 4.51 -5.58 -9.90
CA LEU A 71 5.23 -4.51 -10.55
C LEU A 71 5.70 -4.94 -11.95
N ARG A 72 6.31 -6.13 -12.05
CA ARG A 72 6.80 -6.55 -13.35
C ARG A 72 5.70 -7.00 -14.28
N SER A 73 4.54 -7.38 -13.77
CA SER A 73 3.44 -7.78 -14.62
C SER A 73 2.69 -6.60 -15.20
N ALA A 74 2.63 -5.49 -14.46
CA ALA A 74 1.74 -4.37 -14.79
C ALA A 74 2.42 -3.10 -15.24
N CYS A 75 3.63 -2.83 -14.80
CA CYS A 75 4.19 -1.49 -14.91
C CYS A 75 5.17 -1.41 -16.03
N ALA A 76 5.05 -0.37 -16.85
CA ALA A 76 5.87 -0.30 -18.06
C ALA A 76 7.38 -0.34 -17.80
N GLN A 77 7.81 0.31 -16.73
CA GLN A 77 9.25 0.40 -16.46
C GLN A 77 9.86 -0.92 -16.07
N PHE A 78 9.02 -1.93 -15.78
CA PHE A 78 9.51 -3.25 -15.43
C PHE A 78 9.07 -4.30 -16.43
N GLY A 79 8.60 -3.88 -17.61
CA GLY A 79 8.08 -4.82 -18.60
C GLY A 79 9.09 -5.81 -19.05
N GLY A 80 8.63 -7.07 -19.18
CA GLY A 80 9.48 -8.15 -19.62
C GLY A 80 10.46 -8.69 -18.59
N GLN A 81 10.52 -8.11 -17.39
CA GLN A 81 11.51 -8.54 -16.42
C GLN A 81 11.01 -9.77 -15.67
N GLY A 82 11.96 -10.57 -15.18
CA GLY A 82 11.67 -11.78 -14.48
C GLY A 82 11.76 -11.69 -12.98
N ALA A 83 11.32 -12.74 -12.30
CA ALA A 83 11.30 -12.79 -10.85
C ALA A 83 12.68 -12.53 -10.25
N GLY A 84 13.73 -13.06 -10.89
CA GLY A 84 15.07 -12.92 -10.35
C GLY A 84 15.63 -11.51 -10.43
N GLN A 85 15.00 -10.65 -11.23
CA GLN A 85 15.41 -9.26 -11.39
C GLN A 85 14.80 -8.29 -10.37
N TYR A 86 14.23 -8.87 -9.28
CA TYR A 86 13.48 -8.12 -8.29
C TYR A 86 14.20 -6.92 -7.69
N ASP A 87 15.54 -6.91 -7.64
CA ASP A 87 16.22 -5.75 -7.10
C ASP A 87 15.93 -4.48 -7.88
N ASN A 88 15.51 -4.62 -9.14
CA ASN A 88 15.14 -3.43 -9.93
C ASN A 88 13.96 -2.69 -9.33
N GLY A 89 13.11 -3.37 -8.56
CA GLY A 89 11.98 -2.72 -7.91
C GLY A 89 12.38 -1.67 -6.92
N ALA A 90 13.63 -1.73 -6.43
CA ALA A 90 14.11 -0.77 -5.47
C ALA A 90 14.14 0.65 -5.97
N ALA A 91 14.01 0.86 -7.28
CA ALA A 91 13.85 2.23 -7.79
C ALA A 91 12.69 2.94 -7.07
N LEU A 92 11.63 2.21 -6.72
CA LEU A 92 10.48 2.85 -6.10
C LEU A 92 10.76 3.29 -4.69
N ASN A 93 11.83 2.80 -4.07
CA ASN A 93 12.14 3.23 -2.70
C ASN A 93 12.65 4.63 -2.64
N SER A 94 13.12 5.17 -3.77
CA SER A 94 13.62 6.55 -3.79
CA SER A 94 13.71 6.48 -3.93
C SER A 94 12.88 7.46 -4.74
N SER A 95 11.79 7.01 -5.34
CA SER A 95 10.99 7.88 -6.21
C SER A 95 9.52 7.72 -5.91
N LEU A 96 8.99 8.65 -5.13
CA LEU A 96 7.57 8.63 -4.78
C LEU A 96 6.70 8.76 -6.01
N GLY A 97 7.10 9.61 -6.96
CA GLY A 97 6.31 9.76 -8.17
C GLY A 97 6.18 8.47 -8.97
N GLN A 98 7.29 7.77 -9.14
CA GLN A 98 7.25 6.49 -9.82
C GLN A 98 6.46 5.45 -9.03
N ASP A 99 6.58 5.50 -7.71
CA ASP A 99 5.82 4.57 -6.84
C ASP A 99 4.32 4.72 -7.08
N VAL A 100 3.82 5.95 -7.05
CA VAL A 100 2.40 6.20 -7.29
C VAL A 100 2.01 5.84 -8.70
N SER A 101 2.85 6.18 -9.69
CA SER A 101 2.53 5.82 -11.08
C SER A 101 2.39 4.32 -11.22
N CYS A 102 3.33 3.59 -10.62
CA CYS A 102 3.27 2.13 -10.67
C CYS A 102 2.05 1.58 -9.96
N LEU A 103 1.70 2.14 -8.80
CA LEU A 103 0.49 1.71 -8.11
C LEU A 103 -0.72 1.83 -9.01
N HIS A 104 -0.86 2.98 -9.70
CA HIS A 104 -2.01 3.18 -10.54
C HIS A 104 -2.00 2.24 -11.76
N GLN A 105 -0.85 2.04 -12.36
CA GLN A 105 -0.75 1.06 -13.46
C GLN A 105 -1.17 -0.35 -13.00
N SER A 106 -0.72 -0.72 -11.82
CA SER A 106 -1.03 -2.05 -11.27
C SER A 106 -2.53 -2.18 -11.00
N GLN A 107 -3.12 -1.18 -10.35
CA GLN A 107 -4.55 -1.24 -10.04
C GLN A 107 -5.37 -1.33 -11.33
N SER A 108 -4.97 -0.58 -12.36
CA SER A 108 -5.70 -0.64 -13.61
CA SER A 108 -5.64 -0.63 -13.68
C SER A 108 -5.50 -1.98 -14.34
N HIS A 109 -4.31 -2.53 -14.29
CA HIS A 109 -4.01 -3.80 -14.94
C HIS A 109 -4.87 -4.93 -14.36
N TYR A 110 -4.97 -4.98 -13.04
CA TYR A 110 -5.66 -6.07 -12.36
C TYR A 110 -7.14 -5.81 -12.14
N GLY A 111 -7.53 -4.54 -12.04
CA GLY A 111 -8.81 -4.16 -11.43
C GLY A 111 -8.68 -4.26 -9.94
N LEU A 112 -9.47 -3.46 -9.22
CA LEU A 112 -9.21 -3.39 -7.77
C LEU A 112 -9.38 -4.70 -7.04
N ASP A 113 -10.38 -5.51 -7.38
CA ASP A 113 -10.55 -6.79 -6.65
C ASP A 113 -9.36 -7.70 -6.72
N ALA A 114 -8.85 -7.96 -7.91
CA ALA A 114 -7.67 -8.77 -8.08
C ALA A 114 -6.51 -8.04 -7.52
N TRP A 115 -6.46 -6.70 -7.63
CA TRP A 115 -5.31 -5.99 -7.11
C TRP A 115 -5.18 -6.24 -5.61
N PHE A 116 -6.29 -6.14 -4.86
CA PHE A 116 -6.19 -6.36 -3.43
C PHE A 116 -5.73 -7.78 -3.13
N ALA A 117 -6.22 -8.76 -3.89
CA ALA A 117 -5.82 -10.13 -3.68
C ALA A 117 -4.33 -10.35 -3.88
N GLY A 118 -3.79 -9.81 -4.97
CA GLY A 118 -2.36 -9.93 -5.21
C GLY A 118 -1.53 -9.10 -4.27
N HIS A 119 -2.03 -7.92 -3.90
CA HIS A 119 -1.26 -7.04 -2.99
C HIS A 119 -1.11 -7.71 -1.63
N ARG A 120 -2.19 -8.35 -1.16
CA ARG A 120 -2.14 -9.05 0.12
C ARG A 120 -1.38 -10.37 -0.01
N ASN A 121 -1.67 -11.18 -1.03
CA ASN A 121 -1.21 -12.57 -1.02
C ASN A 121 -0.52 -13.00 -2.30
N GLY A 122 0.01 -12.07 -3.10
CA GLY A 122 0.89 -12.45 -4.19
C GLY A 122 0.23 -13.37 -5.19
N ALA A 123 1.04 -14.24 -5.81
CA ALA A 123 0.52 -15.17 -6.82
C ALA A 123 -0.59 -16.04 -6.25
N SER A 124 -0.45 -16.47 -5.00
CA SER A 124 -1.46 -17.32 -4.40
C SER A 124 -2.80 -16.56 -4.30
N GLY A 125 -2.74 -15.27 -4.00
CA GLY A 125 -3.94 -14.44 -3.97
C GLY A 125 -4.56 -14.25 -5.33
N LEU A 126 -3.73 -14.04 -6.36
CA LEU A 126 -4.31 -13.86 -7.68
C LEU A 126 -5.09 -15.09 -8.10
N SER A 127 -4.61 -16.30 -7.76
CA SER A 127 -5.32 -17.48 -8.19
C SER A 127 -6.44 -17.90 -7.21
N SER A 128 -6.39 -17.45 -5.94
CA SER A 128 -7.46 -17.66 -4.96
C SER A 128 -7.81 -16.31 -4.30
N PRO A 129 -8.52 -15.46 -5.01
CA PRO A 129 -8.67 -14.06 -4.58
C PRO A 129 -9.78 -13.79 -3.60
N ASN A 130 -10.68 -14.77 -3.37
CA ASN A 130 -11.88 -14.59 -2.60
C ASN A 130 -11.82 -15.22 -1.25
N THR A 131 -10.71 -15.12 -0.57
CA THR A 131 -10.54 -15.69 0.74
C THR A 131 -10.96 -14.76 1.87
N ALA A 132 -11.18 -15.36 3.02
CA ALA A 132 -11.51 -14.58 4.21
C ALA A 132 -10.39 -13.65 4.61
N ASP A 133 -9.13 -14.08 4.49
CA ASP A 133 -8.02 -13.22 4.84
C ASP A 133 -7.92 -12.01 3.91
N ILE A 134 -8.09 -12.23 2.61
CA ILE A 134 -8.04 -11.10 1.67
C ILE A 134 -9.20 -10.13 1.93
N ALA A 135 -10.39 -10.67 2.20
CA ALA A 135 -11.52 -9.81 2.51
C ALA A 135 -11.26 -8.95 3.75
N ALA A 136 -10.63 -9.53 4.77
CA ALA A 136 -10.33 -8.78 5.98
C ALA A 136 -9.28 -7.69 5.71
N TYR A 137 -8.32 -7.96 4.83
CA TYR A 137 -7.33 -6.95 4.45
C TYR A 137 -8.00 -5.77 3.74
N LYS A 138 -8.86 -6.10 2.78
CA LYS A 138 -9.61 -5.08 2.05
C LYS A 138 -10.47 -4.26 3.02
N ALA A 139 -11.12 -4.93 3.95
CA ALA A 139 -11.96 -4.24 4.92
C ALA A 139 -11.14 -3.27 5.77
N ALA A 140 -9.92 -3.67 6.16
CA ALA A 140 -9.06 -2.78 6.92
C ALA A 140 -8.75 -1.53 6.14
N VAL A 141 -8.35 -1.69 4.88
CA VAL A 141 -8.04 -0.52 4.05
C VAL A 141 -9.26 0.39 3.90
N TYR A 142 -10.42 -0.20 3.64
CA TYR A 142 -11.61 0.64 3.45
C TYR A 142 -12.08 1.28 4.73
N TRP A 143 -11.80 0.69 5.90
CA TRP A 143 -12.11 1.35 7.16
C TRP A 143 -11.19 2.57 7.36
N ILE A 144 -9.89 2.40 7.04
CA ILE A 144 -8.98 3.55 7.13
C ILE A 144 -9.45 4.64 6.17
N LYS A 145 -9.81 4.25 4.94
CA LYS A 145 -10.30 5.24 3.98
C LYS A 145 -11.54 5.96 4.48
N ALA A 146 -12.45 5.25 5.14
CA ALA A 146 -13.63 5.90 5.68
C ALA A 146 -13.24 6.96 6.70
N GLN A 147 -12.20 6.73 7.52
CA GLN A 147 -11.79 7.74 8.48
C GLN A 147 -11.24 8.99 7.75
N LEU A 148 -10.50 8.75 6.68
CA LEU A 148 -9.99 9.84 5.89
C LEU A 148 -11.12 10.61 5.21
N ASP A 149 -12.08 9.88 4.66
CA ASP A 149 -13.21 10.50 3.93
C ASP A 149 -14.13 11.27 4.86
N ALA A 150 -14.24 10.84 6.11
CA ALA A 150 -15.22 11.45 7.00
C ALA A 150 -14.79 12.81 7.49
N ASP A 151 -13.51 13.13 7.46
CA ASP A 151 -13.03 14.43 7.93
C ASP A 151 -11.78 14.78 7.17
N SER A 152 -11.87 15.78 6.30
CA SER A 152 -10.74 16.14 5.47
C SER A 152 -9.51 16.64 6.20
N ALA A 153 -9.67 17.02 7.47
CA ALA A 153 -8.49 17.30 8.27
C ALA A 153 -7.53 16.12 8.28
N ASN A 154 -8.07 14.91 8.22
CA ASN A 154 -7.27 13.70 8.26
C ASN A 154 -6.41 13.49 7.03
N LEU A 155 -6.65 14.25 5.95
CA LEU A 155 -5.78 14.23 4.78
C LEU A 155 -4.48 14.98 4.98
N GLY A 156 -4.39 15.82 6.02
CA GLY A 156 -3.23 16.65 6.21
C GLY A 156 -2.71 16.76 7.62
N ASN A 157 -3.32 16.06 8.57
CA ASN A 157 -2.86 16.13 9.96
C ASN A 157 -1.92 14.96 10.27
N ASP A 158 -1.45 14.91 11.52
CA ASP A 158 -0.47 13.92 11.92
C ASP A 158 -1.11 12.61 12.42
N THR A 159 -2.40 12.40 12.19
CA THR A 159 -3.06 11.23 12.71
C THR A 159 -2.93 10.03 11.80
N ARG A 160 -2.49 8.92 12.38
CA ARG A 160 -2.49 7.62 11.76
C ARG A 160 -3.66 6.78 12.28
N PHE A 161 -4.52 6.30 11.39
CA PHE A 161 -5.55 5.34 11.69
C PHE A 161 -5.07 3.98 11.28
N TRP A 162 -5.33 2.96 12.12
CA TRP A 162 -4.81 1.63 11.88
C TRP A 162 -5.84 0.57 12.24
N VAL A 163 -5.66 -0.58 11.59
CA VAL A 163 -6.37 -1.82 11.89
C VAL A 163 -5.32 -2.88 11.97
N GLN A 164 -5.37 -3.74 12.97
CA GLN A 164 -4.35 -4.80 13.07
C GLN A 164 -4.62 -5.88 12.05
N VAL A 165 -3.69 -6.02 11.12
CA VAL A 165 -3.78 -7.01 10.05
C VAL A 165 -2.49 -7.83 10.11
N PRO A 166 -2.55 -9.09 10.56
CA PRO A 166 -1.30 -9.82 10.77
CA PRO A 166 -1.33 -9.87 10.77
C PRO A 166 -0.45 -9.94 9.53
N ALA A 167 0.84 -9.79 9.74
CA ALA A 167 1.80 -9.87 8.66
C ALA A 167 1.91 -11.29 8.15
N ILE A 168 2.00 -11.42 6.83
CA ILE A 168 2.24 -12.70 6.16
C ILE A 168 3.35 -12.59 5.15
C1 BMA B . -0.20 -1.56 12.88
C2 BMA B . -1.20 -2.41 12.10
C3 BMA B . -0.40 -3.39 11.25
C4 BMA B . 0.58 -2.63 10.39
C5 BMA B . 1.40 -1.60 11.18
C6 BMA B . 2.23 -0.69 10.30
O1 BMA B . -0.81 -0.60 13.70
O2 BMA B . -2.03 -1.57 11.28
O3 BMA B . -1.33 -4.21 10.51
O4 BMA B . 1.51 -3.56 9.84
O5 BMA B . 0.51 -0.80 11.94
O6 BMA B . 2.97 0.23 11.13
C1 BMA B . 1.53 -3.76 8.45
C2 BMA B . 2.94 -4.19 8.06
C3 BMA B . 2.96 -4.61 6.61
C4 BMA B . 1.89 -5.68 6.35
C5 BMA B . 0.55 -5.11 6.78
C6 BMA B . -0.58 -6.11 6.61
O2 BMA B . 3.34 -5.30 8.86
O3 BMA B . 4.28 -5.07 6.25
O4 BMA B . 1.75 -6.03 4.96
O5 BMA B . 0.59 -4.78 8.18
O6 BMA B . -0.30 -7.38 7.19
C1 BMA B . 2.68 -6.89 4.36
C2 BMA B . 2.23 -8.33 4.23
C3 BMA B . 1.24 -8.55 3.10
C4 BMA B . 1.83 -8.00 1.80
C5 BMA B . 2.38 -6.56 1.90
C6 BMA B . 1.36 -5.47 1.62
O2 BMA B . 1.73 -8.81 5.48
O3 BMA B . -0.03 -7.94 3.40
O4 BMA B . 2.97 -8.81 1.38
O5 BMA B . 3.12 -6.34 3.11
O6 BMA B . 0.31 -5.37 2.60
C1 BMA B . 2.64 -9.92 0.58
C2 BMA B . 3.57 -9.96 -0.65
C3 BMA B . 3.18 -11.18 -1.50
C4 BMA B . 3.24 -12.44 -0.67
C5 BMA B . 2.45 -12.28 0.63
C6 BMA B . 2.61 -13.48 1.56
O2 BMA B . 4.93 -10.05 -0.19
O3 BMA B . 4.08 -11.22 -2.59
O4 BMA B . 2.63 -13.53 -1.39
O5 BMA B . 2.84 -11.09 1.34
O6 BMA B . 3.99 -13.62 1.94
C1 BMA B . 3.49 -14.53 -1.88
C2 BMA B . 2.72 -15.84 -1.98
C3 BMA B . 3.66 -16.89 -2.57
C4 BMA B . 4.22 -16.41 -3.89
C5 BMA B . 4.84 -15.02 -3.76
C6 BMA B . 5.25 -14.41 -5.07
O2 BMA B . 1.61 -15.76 -2.86
O3 BMA B . 2.98 -18.13 -2.75
O4 BMA B . 5.26 -17.33 -4.29
O5 BMA B . 3.91 -14.11 -3.16
O6 BMA B . 4.16 -14.31 -5.95
C1 MAN C . -0.55 -1.44 12.86
C2 MAN C . -1.33 -2.41 12.01
C3 MAN C . -0.45 -3.39 11.26
C4 MAN C . 0.55 -2.63 10.42
C5 MAN C . 1.32 -1.62 11.28
C6 MAN C . 2.17 -0.73 10.37
O1 MAN C . -0.06 -2.19 13.96
O2 MAN C . -2.10 -1.59 11.12
O3 MAN C . -1.31 -4.24 10.48
O4 MAN C . 1.51 -3.55 9.86
O5 MAN C . 0.46 -0.79 12.07
O6 MAN C . 2.72 0.38 11.09
C1 GOL D . 3.81 -9.52 13.57
O1 GOL D . 4.18 -10.58 12.68
C2 GOL D . 2.83 -8.62 12.83
O2 GOL D . 1.65 -9.37 12.53
C3 GOL D . 2.61 -7.38 13.71
O3 GOL D . 1.79 -6.36 13.12
CL CL E . -10.72 -17.84 -3.83
#